data_1HJQ
#
_entry.id   1HJQ
#
_cell.length_a   45.254
_cell.length_b   68.955
_cell.length_c   135.160
_cell.angle_alpha   90.00
_cell.angle_beta   90.00
_cell.angle_gamma   90.00
#
_symmetry.space_group_name_H-M   'P 21 21 21'
#
loop_
_entity.id
_entity.type
_entity.pdbx_description
1 polymer BETA-1,4-GALACTANASE
2 non-polymer 2-acetamido-2-deoxy-beta-D-glucopyranose
3 water water
#
_entity_poly.entity_id   1
_entity_poly.type   'polypeptide(L)'
_entity_poly.pdbx_seq_one_letter_code
;ALQYKGVDWSSVMVEERAGVRYKNVNGQEKPLEYILAENGVNMVRQRVWVNPWDGNYNLDYNIQLARRAKAAGLGLYINF
HYSDTWADPAHQTTPAGWPSDINNLAWKLYNYTLDSMNRFADAGIQVDIVSIGNEITQGLLWPLGKTNNWYNIARLLHSA
AWGVKDSRLNPKPKIMVHLDNGWNWDTQNWWYTNVLSQGPFEMSDFDMMGVSFYPFYSASATLDSLRRSLNNMVSRWGKE
VAVVETNWPTSCPYPRYQFPADVRNVPFSAAGQTQYIQSVANVVSSVSKGVGLFYWEPAWIHNANLGSSCADNTMFTPSG
QALSSLSVFHRI
;
_entity_poly.pdbx_strand_id   A
#
# COMPACT_ATOMS: atom_id res chain seq x y z
N ALA A 1 13.01 8.93 13.03
CA ALA A 1 11.61 8.41 12.99
C ALA A 1 10.92 8.65 11.65
N LEU A 2 9.95 7.80 11.34
CA LEU A 2 9.22 7.84 10.08
C LEU A 2 8.40 9.09 9.80
N GLN A 3 8.45 9.52 8.55
CA GLN A 3 7.70 10.68 8.11
C GLN A 3 6.26 10.24 7.89
N TYR A 4 6.11 9.08 7.24
CA TYR A 4 4.80 8.54 6.93
C TYR A 4 4.56 7.28 7.77
N LYS A 5 3.57 7.35 8.66
CA LYS A 5 3.26 6.20 9.48
C LYS A 5 1.75 6.07 9.56
N GLY A 6 1.23 5.01 8.96
CA GLY A 6 -0.20 4.82 8.97
C GLY A 6 -0.67 3.42 8.61
N VAL A 7 -1.93 3.32 8.25
CA VAL A 7 -2.52 2.05 7.91
C VAL A 7 -3.33 2.16 6.63
N ASP A 8 -3.66 1.01 6.06
CA ASP A 8 -4.51 0.96 4.89
C ASP A 8 -5.84 0.63 5.54
N TRP A 9 -6.81 1.53 5.41
CA TRP A 9 -8.12 1.34 6.04
C TRP A 9 -9.27 1.28 5.03
N SER A 10 -8.95 0.89 3.80
CA SER A 10 -9.95 0.82 2.73
C SER A 10 -11.27 0.13 3.05
N SER A 11 -11.23 -0.93 3.84
CA SER A 11 -12.43 -1.67 4.18
C SER A 11 -13.38 -0.99 5.17
N VAL A 12 -12.93 0.09 5.79
CA VAL A 12 -13.73 0.75 6.80
C VAL A 12 -15.24 0.92 6.54
N MET A 13 -15.65 1.43 5.39
CA MET A 13 -17.07 1.62 5.14
C MET A 13 -17.82 0.31 4.89
N VAL A 14 -17.16 -0.64 4.27
CA VAL A 14 -17.77 -1.93 4.01
C VAL A 14 -18.07 -2.55 5.37
N GLU A 15 -17.17 -2.35 6.31
CA GLU A 15 -17.37 -2.89 7.66
C GLU A 15 -18.48 -2.15 8.39
N GLU A 16 -18.50 -0.82 8.26
CA GLU A 16 -19.55 -0.05 8.92
C GLU A 16 -20.89 -0.51 8.36
N ARG A 17 -20.99 -0.64 7.05
CA ARG A 17 -22.24 -1.09 6.43
C ARG A 17 -22.63 -2.47 6.96
N ALA A 18 -21.64 -3.23 7.38
CA ALA A 18 -21.89 -4.57 7.90
C ALA A 18 -22.22 -4.54 9.39
N GLY A 19 -22.33 -3.34 9.94
CA GLY A 19 -22.68 -3.19 11.35
C GLY A 19 -21.54 -3.11 12.34
N VAL A 20 -20.30 -3.02 11.86
CA VAL A 20 -19.15 -2.94 12.76
C VAL A 20 -19.01 -1.59 13.45
N ARG A 21 -18.65 -1.61 14.73
CA ARG A 21 -18.43 -0.39 15.51
C ARG A 21 -17.04 -0.45 16.11
N TYR A 22 -16.27 0.61 15.92
CA TYR A 22 -14.91 0.67 16.44
C TYR A 22 -14.78 1.50 17.70
N LYS A 23 -13.83 1.14 18.54
CA LYS A 23 -13.57 1.85 19.79
C LYS A 23 -12.07 1.87 20.00
N ASN A 24 -11.57 2.84 20.76
CA ASN A 24 -10.14 2.87 21.03
C ASN A 24 -9.90 1.81 22.11
N VAL A 25 -8.70 1.78 22.69
CA VAL A 25 -8.38 0.78 23.72
C VAL A 25 -9.28 0.85 24.94
N ASN A 26 -9.88 2.01 25.16
CA ASN A 26 -10.72 2.21 26.34
C ASN A 26 -12.20 1.91 26.15
N GLY A 27 -12.56 1.45 24.95
CA GLY A 27 -13.94 1.11 24.69
C GLY A 27 -14.80 2.27 24.23
N GLN A 28 -14.19 3.42 23.99
CA GLN A 28 -14.94 4.57 23.53
C GLN A 28 -15.20 4.48 22.03
N GLU A 29 -16.46 4.34 21.64
CA GLU A 29 -16.85 4.23 20.24
C GLU A 29 -16.71 5.56 19.48
N LYS A 30 -16.15 5.50 18.29
CA LYS A 30 -15.99 6.69 17.44
C LYS A 30 -15.64 6.21 16.03
N PRO A 31 -15.68 7.13 15.05
CA PRO A 31 -15.36 6.75 13.66
C PRO A 31 -13.88 6.36 13.62
N LEU A 32 -13.57 5.28 12.89
CA LEU A 32 -12.21 4.76 12.80
C LEU A 32 -11.10 5.80 12.58
N GLU A 33 -11.30 6.73 11.65
CA GLU A 33 -10.27 7.72 11.37
C GLU A 33 -9.78 8.41 12.65
N TYR A 34 -10.67 8.58 13.64
CA TYR A 34 -10.26 9.23 14.88
C TYR A 34 -9.55 8.29 15.83
N ILE A 35 -9.94 7.02 15.84
CA ILE A 35 -9.25 6.05 16.67
C ILE A 35 -7.83 5.92 16.13
N LEU A 36 -7.69 6.02 14.81
CA LEU A 36 -6.38 5.93 14.17
C LEU A 36 -5.49 7.12 14.52
N ALA A 37 -6.02 8.33 14.34
CA ALA A 37 -5.26 9.54 14.65
C ALA A 37 -4.85 9.52 16.13
N GLU A 38 -5.77 9.02 16.95
CA GLU A 38 -5.60 8.91 18.39
C GLU A 38 -4.38 8.05 18.74
N ASN A 39 -4.08 7.08 17.89
CA ASN A 39 -2.96 6.18 18.14
C ASN A 39 -1.65 6.54 17.45
N GLY A 40 -1.57 7.74 16.88
CA GLY A 40 -0.35 8.17 16.23
C GLY A 40 -0.30 8.06 14.72
N VAL A 41 -1.30 7.46 14.11
CA VAL A 41 -1.34 7.34 12.66
C VAL A 41 -1.42 8.73 12.05
N ASN A 42 -0.64 9.00 11.01
CA ASN A 42 -0.68 10.32 10.37
C ASN A 42 -1.00 10.24 8.89
N MET A 43 -1.42 9.05 8.44
CA MET A 43 -1.75 8.85 7.03
C MET A 43 -2.45 7.53 6.78
N VAL A 44 -3.43 7.54 5.88
CA VAL A 44 -4.14 6.32 5.54
C VAL A 44 -3.89 5.98 4.08
N ARG A 45 -3.87 4.68 3.79
CA ARG A 45 -3.66 4.18 2.44
C ARG A 45 -5.02 3.68 1.97
N GLN A 46 -5.43 4.06 0.76
CA GLN A 46 -6.73 3.62 0.24
C GLN A 46 -6.58 3.02 -1.15
N ARG A 47 -7.13 1.83 -1.34
CA ARG A 47 -7.05 1.18 -2.64
C ARG A 47 -8.16 1.69 -3.55
N VAL A 48 -7.84 1.89 -4.83
CA VAL A 48 -8.81 2.39 -5.80
C VAL A 48 -8.96 1.45 -6.98
N TRP A 49 -10.19 0.99 -7.21
CA TRP A 49 -10.49 0.10 -8.34
C TRP A 49 -11.30 0.87 -9.38
N VAL A 50 -11.09 0.50 -10.65
CA VAL A 50 -11.76 1.15 -11.78
C VAL A 50 -13.29 0.97 -11.75
N ASN A 51 -13.77 -0.19 -12.19
CA ASN A 51 -15.21 -0.45 -12.21
C ASN A 51 -15.58 -1.65 -11.35
N PRO A 52 -15.43 -1.53 -10.03
CA PRO A 52 -15.77 -2.66 -9.16
C PRO A 52 -17.22 -3.07 -9.37
N TRP A 53 -17.48 -4.36 -9.28
CA TRP A 53 -18.81 -4.91 -9.50
C TRP A 53 -19.87 -4.35 -8.56
N ASP A 54 -19.46 -3.95 -7.36
CA ASP A 54 -20.42 -3.45 -6.39
C ASP A 54 -20.17 -2.00 -5.97
N GLY A 55 -19.23 -1.34 -6.65
CA GLY A 55 -18.94 0.05 -6.34
C GLY A 55 -17.93 0.29 -5.23
N ASN A 56 -17.61 -0.73 -4.44
CA ASN A 56 -16.66 -0.52 -3.37
C ASN A 56 -15.24 -0.31 -3.86
N TYR A 57 -14.59 0.70 -3.28
CA TYR A 57 -13.22 1.07 -3.60
C TYR A 57 -13.16 1.83 -4.91
N ASN A 58 -14.32 2.23 -5.43
CA ASN A 58 -14.27 3.00 -6.66
C ASN A 58 -14.05 4.46 -6.26
N LEU A 59 -13.90 5.33 -7.25
CA LEU A 59 -13.63 6.73 -6.99
C LEU A 59 -14.53 7.38 -5.94
N ASP A 60 -15.84 7.36 -6.16
CA ASP A 60 -16.77 7.96 -5.20
C ASP A 60 -16.51 7.44 -3.80
N TYR A 61 -16.38 6.12 -3.70
CA TYR A 61 -16.12 5.46 -2.43
C TYR A 61 -14.86 6.01 -1.76
N ASN A 62 -13.81 6.19 -2.55
CA ASN A 62 -12.55 6.69 -1.99
C ASN A 62 -12.60 8.17 -1.65
N ILE A 63 -13.50 8.91 -2.27
CA ILE A 63 -13.62 10.32 -1.98
C ILE A 63 -14.28 10.53 -0.63
N GLN A 64 -15.25 9.68 -0.30
CA GLN A 64 -15.93 9.78 0.99
C GLN A 64 -14.91 9.48 2.07
N LEU A 65 -14.05 8.50 1.83
CA LEU A 65 -13.01 8.11 2.77
C LEU A 65 -11.99 9.22 2.97
N ALA A 66 -11.48 9.74 1.87
CA ALA A 66 -10.49 10.80 1.91
C ALA A 66 -11.00 11.96 2.75
N ARG A 67 -12.17 12.48 2.38
CA ARG A 67 -12.75 13.60 3.10
C ARG A 67 -12.75 13.29 4.59
N ARG A 68 -13.16 12.08 4.96
CA ARG A 68 -13.19 11.70 6.37
C ARG A 68 -11.78 11.67 6.94
N ALA A 69 -10.86 11.03 6.23
CA ALA A 69 -9.47 10.93 6.68
C ALA A 69 -8.88 12.31 6.94
N LYS A 70 -9.20 13.26 6.06
CA LYS A 70 -8.71 14.62 6.17
C LYS A 70 -9.29 15.31 7.42
N ALA A 71 -10.57 15.10 7.70
CA ALA A 71 -11.19 15.73 8.86
C ALA A 71 -10.46 15.31 10.14
N ALA A 72 -9.91 14.11 10.16
CA ALA A 72 -9.18 13.62 11.33
C ALA A 72 -7.71 13.98 11.23
N GLY A 73 -7.37 14.87 10.29
CA GLY A 73 -5.99 15.31 10.13
C GLY A 73 -5.02 14.27 9.59
N LEU A 74 -5.55 13.23 8.95
CA LEU A 74 -4.68 12.19 8.39
C LEU A 74 -4.32 12.45 6.93
N GLY A 75 -3.08 12.16 6.57
CA GLY A 75 -2.64 12.34 5.21
C GLY A 75 -3.24 11.25 4.32
N LEU A 76 -3.13 11.43 3.02
CA LEU A 76 -3.70 10.50 2.07
C LEU A 76 -2.69 9.84 1.13
N TYR A 77 -2.81 8.53 0.98
CA TYR A 77 -1.95 7.74 0.10
C TYR A 77 -2.93 6.93 -0.76
N ILE A 78 -3.08 7.36 -2.01
CA ILE A 78 -3.98 6.71 -2.97
C ILE A 78 -3.24 5.56 -3.64
N ASN A 79 -3.83 4.37 -3.54
CA ASN A 79 -3.25 3.16 -4.10
C ASN A 79 -4.06 2.62 -5.28
N PHE A 80 -3.64 2.98 -6.49
CA PHE A 80 -4.30 2.55 -7.72
C PHE A 80 -3.99 1.09 -8.01
N HIS A 81 -5.02 0.29 -8.26
CA HIS A 81 -4.78 -1.11 -8.61
C HIS A 81 -4.90 -1.25 -10.12
N TYR A 82 -5.48 -0.23 -10.76
CA TYR A 82 -5.67 -0.23 -12.21
C TYR A 82 -6.29 -1.53 -12.66
N SER A 83 -7.35 -1.92 -11.96
CA SER A 83 -8.09 -3.13 -12.25
C SER A 83 -9.49 -2.98 -11.63
N ASP A 84 -10.44 -3.84 -12.02
CA ASP A 84 -11.77 -3.73 -11.45
C ASP A 84 -11.75 -4.44 -10.11
N THR A 85 -10.78 -5.33 -9.95
CA THR A 85 -10.66 -6.10 -8.74
C THR A 85 -9.21 -6.14 -8.24
N TRP A 86 -9.00 -6.91 -7.16
CA TRP A 86 -7.68 -7.04 -6.54
C TRP A 86 -6.53 -7.23 -7.49
N ALA A 87 -5.57 -6.31 -7.47
CA ALA A 87 -4.40 -6.44 -8.32
C ALA A 87 -3.22 -6.84 -7.46
N ASP A 88 -2.49 -7.87 -7.90
CA ASP A 88 -1.32 -8.37 -7.21
C ASP A 88 -0.44 -9.09 -8.24
N PRO A 89 0.74 -9.60 -7.84
CA PRO A 89 1.65 -10.30 -8.75
C PRO A 89 1.03 -11.39 -9.63
N ALA A 90 -0.04 -12.00 -9.16
CA ALA A 90 -0.65 -13.05 -9.96
C ALA A 90 -1.93 -12.61 -10.67
N HIS A 91 -2.36 -11.38 -10.43
CA HIS A 91 -3.56 -10.87 -11.07
C HIS A 91 -3.49 -9.37 -11.35
N GLN A 92 -3.43 -9.02 -12.63
CA GLN A 92 -3.38 -7.64 -13.08
C GLN A 92 -4.36 -7.57 -14.25
N THR A 93 -5.64 -7.76 -13.93
CA THR A 93 -6.69 -7.78 -14.92
C THR A 93 -7.11 -6.41 -15.42
N THR A 94 -6.84 -6.15 -16.69
CA THR A 94 -7.20 -4.89 -17.31
C THR A 94 -8.71 -4.72 -17.20
N PRO A 95 -9.18 -3.51 -16.86
CA PRO A 95 -10.62 -3.25 -16.73
C PRO A 95 -11.34 -3.60 -18.01
N ALA A 96 -12.46 -4.30 -17.92
CA ALA A 96 -13.21 -4.65 -19.12
C ALA A 96 -13.50 -3.36 -19.86
N GLY A 97 -13.34 -3.38 -21.19
CA GLY A 97 -13.59 -2.18 -21.97
C GLY A 97 -12.35 -1.41 -22.39
N TRP A 98 -11.29 -1.47 -21.59
CA TRP A 98 -10.07 -0.76 -21.92
C TRP A 98 -9.42 -1.32 -23.18
N PRO A 99 -8.65 -0.49 -23.91
CA PRO A 99 -7.98 -0.89 -25.15
C PRO A 99 -7.06 -2.10 -25.18
N SER A 100 -6.78 -2.57 -26.39
CA SER A 100 -5.93 -3.74 -26.64
C SER A 100 -4.60 -3.40 -27.31
N ASP A 101 -4.32 -2.13 -27.55
CA ASP A 101 -3.05 -1.76 -28.16
C ASP A 101 -2.36 -0.82 -27.18
N ILE A 102 -1.03 -0.96 -27.10
CA ILE A 102 -0.24 -0.18 -26.16
C ILE A 102 -0.44 1.32 -26.17
N ASN A 103 -0.65 1.90 -27.35
CA ASN A 103 -0.84 3.34 -27.41
C ASN A 103 -2.17 3.77 -26.80
N ASN A 104 -3.23 3.04 -27.13
CA ASN A 104 -4.55 3.37 -26.60
C ASN A 104 -4.68 3.01 -25.13
N LEU A 105 -4.13 1.86 -24.74
CA LEU A 105 -4.20 1.43 -23.34
C LEU A 105 -3.51 2.47 -22.47
N ALA A 106 -2.32 2.88 -22.90
CA ALA A 106 -1.54 3.87 -22.18
C ALA A 106 -2.32 5.18 -22.10
N TRP A 107 -2.96 5.55 -23.21
CA TRP A 107 -3.75 6.77 -23.27
C TRP A 107 -4.86 6.68 -22.24
N LYS A 108 -5.52 5.52 -22.21
CA LYS A 108 -6.60 5.24 -21.28
C LYS A 108 -6.10 5.35 -19.85
N LEU A 109 -4.99 4.69 -19.57
CA LEU A 109 -4.42 4.72 -18.23
C LEU A 109 -4.19 6.18 -17.83
N TYR A 110 -3.79 6.99 -18.81
CA TYR A 110 -3.56 8.41 -18.59
C TYR A 110 -4.86 9.15 -18.29
N ASN A 111 -5.86 9.01 -19.16
CA ASN A 111 -7.14 9.70 -18.93
C ASN A 111 -7.70 9.29 -17.58
N TYR A 112 -7.67 7.99 -17.31
CA TYR A 112 -8.21 7.45 -16.06
C TYR A 112 -7.54 8.08 -14.85
N THR A 113 -6.22 7.99 -14.79
CA THR A 113 -5.46 8.55 -13.68
C THR A 113 -5.70 10.04 -13.60
N LEU A 114 -5.59 10.71 -14.75
CA LEU A 114 -5.81 12.16 -14.82
C LEU A 114 -7.14 12.56 -14.20
N ASP A 115 -8.22 12.01 -14.74
CA ASP A 115 -9.54 12.31 -14.23
C ASP A 115 -9.69 11.95 -12.77
N SER A 116 -9.15 10.80 -12.38
CA SER A 116 -9.23 10.37 -10.99
C SER A 116 -8.56 11.37 -10.04
N MET A 117 -7.34 11.76 -10.36
CA MET A 117 -6.63 12.71 -9.51
C MET A 117 -7.38 14.04 -9.47
N ASN A 118 -7.88 14.47 -10.62
CA ASN A 118 -8.62 15.73 -10.68
C ASN A 118 -9.88 15.62 -9.85
N ARG A 119 -10.35 14.40 -9.65
CA ARG A 119 -11.54 14.17 -8.86
C ARG A 119 -11.28 14.62 -7.42
N PHE A 120 -10.10 14.31 -6.92
CA PHE A 120 -9.72 14.70 -5.56
C PHE A 120 -9.44 16.21 -5.52
N ALA A 121 -8.73 16.70 -6.53
CA ALA A 121 -8.39 18.11 -6.62
C ALA A 121 -9.65 18.97 -6.59
N ASP A 122 -10.59 18.64 -7.45
CA ASP A 122 -11.85 19.38 -7.53
C ASP A 122 -12.64 19.26 -6.22
N ALA A 123 -12.45 18.16 -5.52
CA ALA A 123 -13.16 17.92 -4.27
C ALA A 123 -12.46 18.63 -3.13
N GLY A 124 -11.28 19.18 -3.39
CA GLY A 124 -10.55 19.89 -2.37
C GLY A 124 -9.79 18.97 -1.43
N ILE A 125 -9.58 17.74 -1.87
CA ILE A 125 -8.87 16.72 -1.11
C ILE A 125 -7.41 16.71 -1.56
N GLN A 126 -6.47 16.71 -0.63
CA GLN A 126 -5.07 16.68 -1.01
C GLN A 126 -4.53 15.26 -0.97
N VAL A 127 -4.02 14.78 -2.10
CA VAL A 127 -3.44 13.46 -2.21
C VAL A 127 -1.95 13.66 -1.96
N ASP A 128 -1.40 12.94 -0.98
CA ASP A 128 0.02 13.06 -0.64
C ASP A 128 0.93 12.05 -1.32
N ILE A 129 0.45 10.82 -1.48
CA ILE A 129 1.20 9.78 -2.16
C ILE A 129 0.27 9.04 -3.10
N VAL A 130 0.78 8.66 -4.26
CA VAL A 130 -0.01 7.91 -5.24
C VAL A 130 0.86 6.80 -5.81
N SER A 131 0.41 5.55 -5.69
CA SER A 131 1.16 4.45 -6.26
C SER A 131 0.47 4.15 -7.58
N ILE A 132 1.23 4.16 -8.67
CA ILE A 132 0.66 3.87 -9.95
C ILE A 132 0.70 2.36 -10.15
N GLY A 133 -0.19 1.67 -9.45
CA GLY A 133 -0.25 0.22 -9.53
C GLY A 133 -0.14 -0.37 -8.14
N ASN A 134 -0.40 -1.66 -8.01
CA ASN A 134 -0.32 -2.35 -6.72
C ASN A 134 0.46 -3.65 -6.85
N GLU A 135 1.63 -3.72 -6.21
CA GLU A 135 2.47 -4.91 -6.27
C GLU A 135 2.60 -5.36 -7.73
N ILE A 136 3.01 -4.43 -8.59
CA ILE A 136 3.16 -4.72 -10.01
C ILE A 136 4.45 -5.45 -10.39
N THR A 137 4.94 -6.32 -9.51
CA THR A 137 6.18 -7.06 -9.75
C THR A 137 6.16 -7.83 -11.07
N GLN A 138 5.01 -8.39 -11.43
CA GLN A 138 4.90 -9.13 -12.68
C GLN A 138 4.20 -8.22 -13.69
N GLY A 139 4.33 -6.92 -13.49
CA GLY A 139 3.71 -5.97 -14.38
C GLY A 139 2.28 -5.63 -14.01
N LEU A 140 1.59 -4.93 -14.91
CA LEU A 140 0.21 -4.51 -14.70
C LEU A 140 -0.54 -4.53 -16.02
N LEU A 141 -1.85 -4.33 -15.94
CA LEU A 141 -2.71 -4.30 -17.13
C LEU A 141 -2.41 -5.39 -18.15
N TRP A 142 -2.51 -6.64 -17.72
CA TRP A 142 -2.24 -7.77 -18.59
C TRP A 142 -3.28 -7.84 -19.71
N PRO A 143 -2.90 -8.38 -20.87
CA PRO A 143 -1.61 -8.97 -21.26
C PRO A 143 -0.47 -7.99 -21.56
N LEU A 144 -0.79 -6.85 -22.15
CA LEU A 144 0.22 -5.86 -22.52
C LEU A 144 1.29 -5.57 -21.47
N GLY A 145 0.88 -5.19 -20.27
CA GLY A 145 1.86 -4.86 -19.24
C GLY A 145 2.42 -6.02 -18.43
N LYS A 146 2.30 -7.24 -18.93
CA LYS A 146 2.81 -8.38 -18.20
C LYS A 146 4.34 -8.42 -18.31
N THR A 147 5.00 -8.80 -17.22
CA THR A 147 6.45 -8.85 -17.21
C THR A 147 7.13 -9.46 -18.40
N ASN A 148 8.26 -8.83 -18.72
CA ASN A 148 9.15 -9.15 -19.82
C ASN A 148 8.69 -8.30 -21.01
N ASN A 149 7.57 -7.62 -20.83
CA ASN A 149 7.03 -6.70 -21.82
C ASN A 149 7.50 -5.36 -21.28
N TRP A 150 8.74 -5.35 -20.83
CA TRP A 150 9.37 -4.18 -20.25
C TRP A 150 9.06 -2.87 -20.98
N TYR A 151 9.06 -2.91 -22.31
CA TYR A 151 8.76 -1.69 -23.06
C TYR A 151 7.37 -1.21 -22.74
N ASN A 152 6.38 -2.09 -22.90
CA ASN A 152 4.99 -1.71 -22.62
C ASN A 152 4.83 -1.19 -21.20
N ILE A 153 5.51 -1.82 -20.25
CA ILE A 153 5.41 -1.41 -18.85
C ILE A 153 5.89 0.01 -18.61
N ALA A 154 7.12 0.30 -19.00
CA ALA A 154 7.67 1.64 -18.80
C ALA A 154 6.77 2.64 -19.51
N ARG A 155 6.22 2.17 -20.61
CA ARG A 155 5.33 2.95 -21.46
C ARG A 155 4.06 3.25 -20.65
N LEU A 156 3.50 2.23 -20.03
CA LEU A 156 2.29 2.40 -19.23
C LEU A 156 2.51 3.29 -18.01
N LEU A 157 3.59 3.05 -17.28
CA LEU A 157 3.85 3.83 -16.09
C LEU A 157 4.10 5.29 -16.41
N HIS A 158 4.83 5.57 -17.49
CA HIS A 158 5.09 6.95 -17.86
C HIS A 158 3.77 7.70 -18.01
N SER A 159 2.85 7.12 -18.76
CA SER A 159 1.55 7.72 -18.99
C SER A 159 0.80 7.95 -17.68
N ALA A 160 0.84 6.95 -16.80
CA ALA A 160 0.17 7.05 -15.51
C ALA A 160 0.80 8.13 -14.64
N ALA A 161 2.13 8.16 -14.64
CA ALA A 161 2.84 9.15 -13.85
C ALA A 161 2.40 10.55 -14.26
N TRP A 162 2.25 10.75 -15.57
CA TRP A 162 1.85 12.05 -16.08
C TRP A 162 0.39 12.37 -15.89
N GLY A 163 -0.44 11.35 -15.74
CA GLY A 163 -1.84 11.61 -15.50
C GLY A 163 -1.88 12.35 -14.18
N VAL A 164 -0.93 12.01 -13.31
CA VAL A 164 -0.83 12.65 -12.00
C VAL A 164 -0.21 14.02 -12.17
N LYS A 165 0.89 14.08 -12.92
CA LYS A 165 1.56 15.35 -13.12
C LYS A 165 0.69 16.41 -13.76
N ASP A 166 -0.12 16.04 -14.75
CA ASP A 166 -0.98 17.00 -15.43
C ASP A 166 -2.30 17.32 -14.73
N SER A 167 -2.53 16.78 -13.53
CA SER A 167 -3.80 17.05 -12.84
C SER A 167 -3.79 18.38 -12.10
N ARG A 168 -4.96 18.77 -11.59
CA ARG A 168 -5.10 20.01 -10.84
C ARG A 168 -4.54 19.88 -9.43
N LEU A 169 -4.04 18.70 -9.08
CA LEU A 169 -3.49 18.51 -7.75
C LEU A 169 -2.35 19.46 -7.49
N ASN A 170 -2.39 20.09 -6.34
CA ASN A 170 -1.34 21.01 -5.94
C ASN A 170 -1.38 21.13 -4.43
N PRO A 171 -0.26 20.81 -3.76
CA PRO A 171 0.95 20.35 -4.43
C PRO A 171 0.72 18.96 -5.02
N LYS A 172 1.59 18.54 -5.94
CA LYS A 172 1.48 17.23 -6.55
C LYS A 172 1.98 16.18 -5.56
N PRO A 173 1.31 15.02 -5.51
CA PRO A 173 1.70 13.94 -4.60
C PRO A 173 2.94 13.24 -5.11
N LYS A 174 3.64 12.57 -4.21
CA LYS A 174 4.83 11.83 -4.58
C LYS A 174 4.33 10.62 -5.34
N ILE A 175 4.92 10.38 -6.50
CA ILE A 175 4.51 9.24 -7.31
C ILE A 175 5.33 8.03 -6.88
N MET A 176 4.63 6.94 -6.58
CA MET A 176 5.26 5.72 -6.11
C MET A 176 5.04 4.49 -6.99
N VAL A 177 6.06 3.65 -7.07
CA VAL A 177 5.98 2.39 -7.81
C VAL A 177 6.03 1.35 -6.69
N HIS A 178 5.02 0.49 -6.67
CA HIS A 178 4.87 -0.52 -5.63
C HIS A 178 5.11 -1.95 -6.12
N LEU A 179 6.07 -2.60 -5.47
CA LEU A 179 6.44 -3.99 -5.79
C LEU A 179 6.32 -4.78 -4.49
N ASP A 180 6.05 -6.08 -4.60
CA ASP A 180 5.95 -6.91 -3.41
C ASP A 180 7.34 -7.47 -3.11
N ASN A 181 7.48 -8.28 -2.07
CA ASN A 181 8.76 -8.87 -1.69
C ASN A 181 9.93 -7.89 -1.60
N GLY A 182 9.74 -6.80 -0.87
CA GLY A 182 10.81 -5.81 -0.73
C GLY A 182 12.07 -6.38 -0.14
N TRP A 183 11.98 -7.55 0.50
CA TRP A 183 13.16 -8.19 1.09
C TRP A 183 14.01 -8.82 0.01
N ASN A 184 13.41 -9.17 -1.11
CA ASN A 184 14.16 -9.78 -2.20
C ASN A 184 14.78 -8.72 -3.11
N TRP A 185 16.07 -8.44 -2.92
CA TRP A 185 16.75 -7.43 -3.70
C TRP A 185 16.89 -7.76 -5.19
N ASP A 186 17.14 -9.03 -5.52
CA ASP A 186 17.28 -9.41 -6.92
C ASP A 186 16.00 -9.08 -7.67
N THR A 187 14.86 -9.25 -7.03
CA THR A 187 13.58 -8.94 -7.66
C THR A 187 13.52 -7.41 -7.88
N GLN A 188 13.70 -6.67 -6.80
CA GLN A 188 13.67 -5.19 -6.86
C GLN A 188 14.62 -4.62 -7.92
N ASN A 189 15.79 -5.27 -8.06
CA ASN A 189 16.84 -4.89 -8.99
C ASN A 189 16.46 -5.28 -10.42
N TRP A 190 16.10 -6.54 -10.63
CA TRP A 190 15.67 -7.05 -11.93
C TRP A 190 14.56 -6.17 -12.53
N TRP A 191 13.51 -5.95 -11.74
CA TRP A 191 12.38 -5.15 -12.18
C TRP A 191 12.75 -3.73 -12.61
N TYR A 192 13.22 -2.92 -11.66
CA TYR A 192 13.55 -1.53 -11.96
C TYR A 192 14.58 -1.40 -13.08
N THR A 193 15.58 -2.28 -13.08
CA THR A 193 16.60 -2.23 -14.12
C THR A 193 15.94 -2.37 -15.48
N ASN A 194 15.17 -3.44 -15.65
CA ASN A 194 14.49 -3.67 -16.92
C ASN A 194 13.51 -2.56 -17.30
N VAL A 195 12.75 -2.06 -16.34
CA VAL A 195 11.79 -1.01 -16.63
C VAL A 195 12.48 0.33 -16.96
N LEU A 196 13.46 0.71 -16.15
CA LEU A 196 14.15 1.97 -16.36
C LEU A 196 15.10 2.00 -17.56
N SER A 197 15.47 0.84 -18.10
CA SER A 197 16.37 0.79 -19.25
C SER A 197 15.62 0.97 -20.57
N GLN A 198 14.30 0.82 -20.52
CA GLN A 198 13.49 0.97 -21.73
C GLN A 198 13.55 2.38 -22.30
N GLY A 199 13.38 3.37 -21.44
CA GLY A 199 13.41 4.75 -21.91
C GLY A 199 12.16 5.55 -21.62
N PRO A 200 10.97 5.03 -21.96
CA PRO A 200 9.70 5.74 -21.73
C PRO A 200 9.48 6.16 -20.27
N PHE A 201 9.75 5.26 -19.33
CA PHE A 201 9.59 5.59 -17.91
C PHE A 201 10.90 6.17 -17.40
N GLU A 202 10.92 7.47 -17.18
CA GLU A 202 12.13 8.16 -16.75
C GLU A 202 12.30 8.29 -15.26
N MET A 203 13.55 8.53 -14.85
CA MET A 203 13.87 8.69 -13.44
C MET A 203 13.09 9.82 -12.81
N SER A 204 12.78 10.86 -13.59
CA SER A 204 12.04 11.99 -13.05
C SER A 204 10.53 11.77 -13.05
N ASP A 205 10.09 10.60 -13.52
CA ASP A 205 8.66 10.29 -13.56
C ASP A 205 8.10 9.80 -12.24
N PHE A 206 8.95 9.33 -11.34
CA PHE A 206 8.47 8.87 -10.04
C PHE A 206 9.34 9.32 -8.90
N ASP A 207 8.80 9.27 -7.69
CA ASP A 207 9.53 9.73 -6.52
C ASP A 207 9.74 8.69 -5.44
N MET A 208 8.85 7.71 -5.37
CA MET A 208 8.97 6.71 -4.34
C MET A 208 8.97 5.29 -4.87
N MET A 209 9.53 4.41 -4.05
CA MET A 209 9.57 2.99 -4.33
C MET A 209 9.01 2.40 -3.04
N GLY A 210 7.82 1.82 -3.15
CA GLY A 210 7.18 1.19 -2.00
C GLY A 210 7.31 -0.31 -2.09
N VAL A 211 7.31 -1.00 -0.96
CA VAL A 211 7.43 -2.46 -0.96
C VAL A 211 6.56 -3.13 0.07
N SER A 212 6.13 -4.35 -0.24
CA SER A 212 5.33 -5.11 0.70
C SER A 212 6.32 -6.00 1.45
N PHE A 213 6.16 -6.07 2.76
CA PHE A 213 7.04 -6.89 3.58
C PHE A 213 6.16 -7.63 4.57
N TYR A 214 6.08 -8.94 4.40
CA TYR A 214 5.27 -9.79 5.27
C TYR A 214 6.12 -10.90 5.83
N PRO A 215 5.74 -11.43 6.99
CA PRO A 215 6.54 -12.50 7.58
C PRO A 215 6.04 -13.91 7.26
N PHE A 216 4.78 -14.03 6.87
CA PHE A 216 4.17 -15.32 6.61
C PHE A 216 4.07 -15.85 5.18
N TYR A 217 4.96 -15.42 4.31
CA TYR A 217 4.93 -15.89 2.93
C TYR A 217 6.28 -16.48 2.49
N SER A 218 7.22 -16.55 3.43
CA SER A 218 8.56 -17.07 3.14
C SER A 218 9.50 -16.76 4.29
N ALA A 219 10.27 -17.75 4.71
CA ALA A 219 11.22 -17.54 5.81
C ALA A 219 12.33 -16.61 5.39
N SER A 220 12.39 -16.30 4.09
CA SER A 220 13.42 -15.43 3.53
C SER A 220 13.22 -13.95 3.82
N ALA A 221 12.02 -13.57 4.23
CA ALA A 221 11.72 -12.17 4.52
C ALA A 221 12.35 -11.65 5.81
N THR A 222 13.66 -11.78 5.93
CA THR A 222 14.37 -11.33 7.13
C THR A 222 14.48 -9.80 7.16
N LEU A 223 14.49 -9.25 8.35
CA LEU A 223 14.61 -7.81 8.50
C LEU A 223 15.89 -7.34 7.83
N ASP A 224 16.95 -8.15 7.92
CA ASP A 224 18.24 -7.82 7.32
C ASP A 224 18.14 -7.68 5.80
N SER A 225 17.48 -8.65 5.16
CA SER A 225 17.32 -8.61 3.71
C SER A 225 16.56 -7.37 3.28
N LEU A 226 15.50 -7.03 4.01
CA LEU A 226 14.74 -5.83 3.70
C LEU A 226 15.71 -4.65 3.85
N ARG A 227 16.44 -4.67 4.95
CA ARG A 227 17.42 -3.66 5.27
C ARG A 227 18.42 -3.46 4.12
N ARG A 228 18.97 -4.58 3.64
CA ARG A 228 19.92 -4.53 2.55
C ARG A 228 19.29 -4.10 1.25
N SER A 229 18.12 -4.65 0.97
CA SER A 229 17.39 -4.35 -0.25
C SER A 229 17.12 -2.86 -0.36
N LEU A 230 16.57 -2.29 0.71
CA LEU A 230 16.27 -0.86 0.73
C LEU A 230 17.53 -0.04 0.47
N ASN A 231 18.62 -0.36 1.17
CA ASN A 231 19.87 0.36 0.98
C ASN A 231 20.35 0.26 -0.46
N ASN A 232 20.24 -0.93 -1.04
CA ASN A 232 20.66 -1.12 -2.43
C ASN A 232 19.80 -0.30 -3.38
N MET A 233 18.50 -0.31 -3.16
CA MET A 233 17.55 0.44 -3.99
C MET A 233 17.85 1.94 -3.91
N VAL A 234 17.92 2.44 -2.69
CA VAL A 234 18.18 3.87 -2.46
C VAL A 234 19.50 4.34 -3.08
N SER A 235 20.59 3.63 -2.80
CA SER A 235 21.89 3.97 -3.33
C SER A 235 21.95 3.90 -4.86
N ARG A 236 21.11 3.05 -5.44
CA ARG A 236 21.09 2.87 -6.88
C ARG A 236 20.20 3.85 -7.64
N TRP A 237 19.00 4.10 -7.13
CA TRP A 237 18.09 4.99 -7.83
C TRP A 237 17.73 6.27 -7.10
N GLY A 238 18.25 6.43 -5.88
CA GLY A 238 18.01 7.63 -5.10
C GLY A 238 16.58 8.05 -4.79
N LYS A 239 15.66 7.09 -4.77
CA LYS A 239 14.26 7.42 -4.48
C LYS A 239 13.91 7.19 -3.02
N GLU A 240 12.88 7.86 -2.51
CA GLU A 240 12.47 7.64 -1.12
C GLU A 240 11.83 6.24 -1.10
N VAL A 241 12.00 5.55 0.01
CA VAL A 241 11.50 4.19 0.13
C VAL A 241 10.51 4.02 1.29
N ALA A 242 9.68 2.98 1.22
CA ALA A 242 8.72 2.74 2.28
C ALA A 242 8.07 1.38 2.19
N VAL A 243 7.73 0.83 3.36
CA VAL A 243 7.03 -0.45 3.42
C VAL A 243 5.58 -0.01 3.40
N VAL A 244 4.91 -0.30 2.30
CA VAL A 244 3.52 0.10 2.16
C VAL A 244 2.53 -1.00 2.56
N GLU A 245 3.07 -2.13 3.01
CA GLU A 245 2.24 -3.25 3.42
C GLU A 245 2.97 -4.23 4.33
N THR A 246 2.37 -4.51 5.49
CA THR A 246 2.94 -5.46 6.42
C THR A 246 1.90 -5.80 7.48
N ASN A 247 2.04 -6.99 8.05
CA ASN A 247 1.11 -7.47 9.08
C ASN A 247 1.88 -8.38 10.03
N TRP A 248 1.30 -8.59 11.20
CA TRP A 248 1.88 -9.51 12.18
C TRP A 248 0.66 -10.06 12.89
N PRO A 249 0.55 -11.40 12.95
CA PRO A 249 -0.59 -12.01 13.60
C PRO A 249 -0.57 -12.12 15.11
N THR A 250 -1.75 -12.10 15.71
CA THR A 250 -1.91 -12.26 17.15
C THR A 250 -2.37 -13.71 17.34
N SER A 251 -2.61 -14.37 16.22
CA SER A 251 -3.04 -15.76 16.19
C SER A 251 -2.66 -16.34 14.83
N CYS A 252 -1.88 -17.42 14.85
CA CYS A 252 -1.47 -18.06 13.60
C CYS A 252 -1.25 -19.55 13.87
N PRO A 253 -2.34 -20.28 14.12
CA PRO A 253 -2.30 -21.71 14.41
C PRO A 253 -1.73 -22.57 13.28
N TYR A 254 -2.04 -22.21 12.04
CA TYR A 254 -1.58 -23.01 10.91
C TYR A 254 -0.86 -22.23 9.82
N PRO A 255 0.38 -21.80 10.10
CA PRO A 255 1.15 -21.05 9.11
C PRO A 255 1.48 -21.95 7.92
N ARG A 256 1.41 -21.40 6.71
CA ARG A 256 1.73 -22.18 5.52
C ARG A 256 3.24 -22.25 5.36
N TYR A 257 3.95 -21.23 5.84
CA TYR A 257 5.40 -21.21 5.73
C TYR A 257 6.07 -20.94 7.07
N GLN A 258 7.31 -21.38 7.18
CA GLN A 258 8.07 -21.16 8.39
C GLN A 258 8.34 -19.66 8.43
N PHE A 259 8.24 -19.05 9.60
CA PHE A 259 8.50 -17.63 9.71
C PHE A 259 10.01 -17.35 9.67
N PRO A 260 10.40 -16.12 9.33
CA PRO A 260 11.84 -15.81 9.28
C PRO A 260 12.49 -16.08 10.65
N ALA A 261 13.71 -16.60 10.63
CA ALA A 261 14.43 -16.92 11.87
C ALA A 261 14.60 -15.74 12.82
N ASP A 262 14.69 -14.53 12.28
CA ASP A 262 14.87 -13.35 13.13
C ASP A 262 13.63 -12.94 13.93
N VAL A 263 12.47 -13.48 13.59
CA VAL A 263 11.25 -13.12 14.33
C VAL A 263 10.53 -14.30 14.97
N ARG A 264 11.14 -15.49 14.92
CA ARG A 264 10.55 -16.68 15.49
C ARG A 264 10.47 -16.62 17.01
N ASN A 265 10.96 -15.53 17.58
CA ASN A 265 10.94 -15.31 19.02
C ASN A 265 9.81 -14.37 19.37
N VAL A 266 9.32 -13.63 18.37
CA VAL A 266 8.24 -12.68 18.54
C VAL A 266 6.93 -13.44 18.67
N PRO A 267 6.19 -13.20 19.76
CA PRO A 267 4.92 -13.85 20.03
C PRO A 267 3.75 -13.37 19.18
N PHE A 268 2.75 -14.23 19.00
CA PHE A 268 1.57 -13.85 18.25
C PHE A 268 0.65 -13.25 19.29
N SER A 269 0.73 -11.92 19.41
CA SER A 269 -0.07 -11.19 20.38
C SER A 269 0.12 -9.70 20.14
N ALA A 270 -0.70 -8.90 20.82
CA ALA A 270 -0.62 -7.46 20.69
C ALA A 270 0.82 -7.02 20.95
N ALA A 271 1.46 -7.65 21.92
CA ALA A 271 2.85 -7.31 22.27
C ALA A 271 3.75 -7.60 21.08
N GLY A 272 3.57 -8.75 20.47
CA GLY A 272 4.37 -9.15 19.32
C GLY A 272 4.18 -8.23 18.13
N GLN A 273 2.96 -7.75 17.93
CA GLN A 273 2.71 -6.85 16.80
C GLN A 273 3.52 -5.59 17.00
N THR A 274 3.50 -5.06 18.23
CA THR A 274 4.23 -3.84 18.56
C THR A 274 5.70 -4.04 18.24
N GLN A 275 6.25 -5.12 18.79
CA GLN A 275 7.63 -5.48 18.60
C GLN A 275 7.99 -5.57 17.12
N TYR A 276 7.18 -6.30 16.35
CA TYR A 276 7.43 -6.47 14.92
C TYR A 276 7.30 -5.18 14.13
N ILE A 277 6.20 -4.46 14.33
CA ILE A 277 5.98 -3.21 13.62
C ILE A 277 7.09 -2.24 13.91
N GLN A 278 7.58 -2.25 15.14
CA GLN A 278 8.65 -1.35 15.54
C GLN A 278 9.98 -1.76 14.90
N SER A 279 10.25 -3.06 14.83
CA SER A 279 11.48 -3.55 14.23
C SER A 279 11.53 -3.16 12.76
N VAL A 280 10.40 -3.33 12.07
CA VAL A 280 10.30 -3.00 10.66
C VAL A 280 10.50 -1.50 10.47
N ALA A 281 9.98 -0.71 11.40
CA ALA A 281 10.14 0.73 11.32
C ALA A 281 11.61 1.08 11.46
N ASN A 282 12.29 0.42 12.39
CA ASN A 282 13.71 0.67 12.59
C ASN A 282 14.49 0.41 11.31
N VAL A 283 14.15 -0.66 10.61
CA VAL A 283 14.84 -0.98 9.36
C VAL A 283 14.65 0.16 8.36
N VAL A 284 13.41 0.57 8.14
CA VAL A 284 13.11 1.65 7.22
C VAL A 284 13.83 2.96 7.63
N SER A 285 13.70 3.33 8.89
CA SER A 285 14.33 4.55 9.39
C SER A 285 15.84 4.51 9.23
N SER A 286 16.44 3.35 9.50
CA SER A 286 17.89 3.19 9.41
C SER A 286 18.37 3.60 8.03
N VAL A 287 17.54 3.35 7.03
CA VAL A 287 17.87 3.69 5.65
C VAL A 287 17.66 5.16 5.37
N SER A 288 18.67 5.80 4.80
CA SER A 288 18.52 7.21 4.45
C SER A 288 17.39 7.15 3.45
N LYS A 289 16.47 8.10 3.50
CA LYS A 289 15.35 8.09 2.57
C LYS A 289 14.33 7.03 2.92
N GLY A 290 14.56 6.35 4.04
CA GLY A 290 13.58 5.38 4.49
C GLY A 290 12.56 6.34 5.09
N VAL A 291 11.38 6.46 4.50
CA VAL A 291 10.43 7.43 5.01
C VAL A 291 9.05 6.97 5.47
N GLY A 292 8.66 5.73 5.19
CA GLY A 292 7.34 5.32 5.62
C GLY A 292 7.07 3.88 5.96
N LEU A 293 5.97 3.65 6.68
CA LEU A 293 5.53 2.31 7.06
C LEU A 293 4.01 2.25 7.17
N PHE A 294 3.40 1.32 6.44
CA PHE A 294 1.95 1.17 6.49
C PHE A 294 1.50 -0.24 6.80
N TYR A 295 0.69 -0.38 7.85
CA TYR A 295 0.14 -1.68 8.24
C TYR A 295 -1.10 -1.87 7.38
N TRP A 296 -1.25 -3.06 6.80
CA TRP A 296 -2.39 -3.32 5.92
C TRP A 296 -3.64 -3.89 6.60
N GLU A 297 -4.75 -3.15 6.44
CA GLU A 297 -6.06 -3.52 6.97
C GLU A 297 -6.08 -4.00 8.42
N PRO A 298 -5.62 -3.15 9.34
CA PRO A 298 -5.61 -3.50 10.77
C PRO A 298 -6.99 -3.66 11.38
N ALA A 299 -8.00 -3.06 10.75
CA ALA A 299 -9.36 -3.11 11.30
C ALA A 299 -10.40 -3.92 10.56
N TRP A 300 -9.96 -4.78 9.64
CA TRP A 300 -10.89 -5.60 8.86
C TRP A 300 -11.26 -6.86 9.65
N ILE A 301 -11.94 -6.66 10.77
CA ILE A 301 -12.34 -7.75 11.65
C ILE A 301 -13.08 -8.90 11.00
N HIS A 302 -13.89 -8.63 9.98
CA HIS A 302 -14.63 -9.69 9.30
C HIS A 302 -13.79 -10.43 8.25
N ASN A 303 -12.48 -10.17 8.25
CA ASN A 303 -11.55 -10.80 7.32
C ASN A 303 -10.17 -10.88 7.98
N ALA A 304 -10.20 -11.19 9.28
CA ALA A 304 -9.02 -11.29 10.14
C ALA A 304 -7.74 -11.86 9.56
N ASN A 305 -7.83 -12.96 8.83
CA ASN A 305 -6.64 -13.57 8.24
C ASN A 305 -6.02 -12.68 7.19
N LEU A 306 -6.81 -11.75 6.66
CA LEU A 306 -6.34 -10.81 5.64
C LEU A 306 -5.71 -11.49 4.43
N GLY A 307 -6.30 -12.60 4.00
CA GLY A 307 -5.80 -13.31 2.85
C GLY A 307 -4.56 -14.14 3.05
N SER A 308 -4.09 -14.25 4.29
CA SER A 308 -2.89 -15.03 4.57
C SER A 308 -3.25 -16.38 5.20
N SER A 309 -2.23 -17.17 5.50
CA SER A 309 -2.49 -18.47 6.10
C SER A 309 -2.66 -18.31 7.62
N CYS A 310 -2.46 -17.10 8.11
CA CYS A 310 -2.63 -16.86 9.54
C CYS A 310 -4.10 -16.55 9.81
N ALA A 311 -4.57 -16.87 11.01
CA ALA A 311 -5.97 -16.67 11.38
C ALA A 311 -6.40 -15.24 11.66
N ASP A 312 -5.55 -14.46 12.31
CA ASP A 312 -5.88 -13.09 12.66
C ASP A 312 -4.67 -12.14 12.62
N ASN A 313 -4.70 -11.19 11.70
CA ASN A 313 -3.62 -10.20 11.56
C ASN A 313 -4.12 -8.81 11.93
N THR A 314 -5.35 -8.72 12.44
CA THR A 314 -5.94 -7.43 12.80
C THR A 314 -5.38 -6.85 14.10
N MET A 315 -5.50 -5.54 14.24
CA MET A 315 -5.04 -4.87 15.44
C MET A 315 -6.28 -4.42 16.20
N PHE A 316 -7.35 -5.17 16.00
CA PHE A 316 -8.61 -4.91 16.68
C PHE A 316 -9.22 -6.18 17.23
N THR A 317 -10.13 -5.96 18.17
CA THR A 317 -10.86 -7.03 18.81
C THR A 317 -11.89 -7.52 17.80
N PRO A 318 -12.34 -8.77 17.95
CA PRO A 318 -13.34 -9.32 17.02
C PRO A 318 -14.63 -8.51 17.07
N SER A 319 -14.75 -7.69 18.12
CA SER A 319 -15.92 -6.84 18.30
C SER A 319 -15.64 -5.42 17.82
N GLY A 320 -14.39 -5.16 17.45
CA GLY A 320 -14.04 -3.85 16.94
C GLY A 320 -13.30 -2.89 17.84
N GLN A 321 -12.86 -3.35 19.02
CA GLN A 321 -12.15 -2.48 19.94
C GLN A 321 -10.65 -2.49 19.69
N ALA A 322 -10.08 -1.30 19.52
CA ALA A 322 -8.65 -1.18 19.25
C ALA A 322 -7.83 -1.89 20.30
N LEU A 323 -6.81 -2.59 19.84
CA LEU A 323 -5.89 -3.31 20.68
C LEU A 323 -4.79 -2.34 21.12
N SER A 324 -4.10 -2.67 22.20
CA SER A 324 -3.03 -1.82 22.72
C SER A 324 -1.98 -1.54 21.67
N SER A 325 -1.63 -2.56 20.90
CA SER A 325 -0.62 -2.48 19.85
C SER A 325 -0.82 -1.38 18.82
N LEU A 326 -2.06 -0.91 18.66
CA LEU A 326 -2.33 0.13 17.68
C LEU A 326 -1.58 1.43 18.00
N SER A 327 -1.28 1.65 19.28
CA SER A 327 -0.60 2.87 19.67
C SER A 327 0.90 2.85 19.42
N VAL A 328 1.36 1.84 18.69
CA VAL A 328 2.78 1.74 18.36
C VAL A 328 3.12 2.87 17.37
N PHE A 329 2.09 3.41 16.73
CA PHE A 329 2.28 4.49 15.78
C PHE A 329 2.80 5.76 16.43
N HIS A 330 2.77 5.80 17.76
CA HIS A 330 3.29 6.95 18.51
C HIS A 330 4.81 6.79 18.57
N ARG A 331 5.26 5.60 18.92
CA ARG A 331 6.68 5.30 19.05
C ARG A 331 7.54 5.32 17.78
N ILE A 332 6.90 5.29 16.62
CA ILE A 332 7.67 5.30 15.37
C ILE A 332 7.52 6.60 14.59
#